data_7SOV
#
_entry.id   7SOV
#
_cell.length_a   36.785
_cell.length_b   46.307
_cell.length_c   58.625
_cell.angle_alpha   90.000
_cell.angle_beta   90.000
_cell.angle_gamma   90.000
#
_symmetry.space_group_name_H-M   'P 21 21 21'
#
loop_
_entity.id
_entity.type
_entity.pdbx_description
1 polymer 'Isoform 2 of La-related protein 1'
2 polymer "RNA (5'-R(P*AP*AP*AP*AP*AP*AP*AP*AP*AP*AP*A)-3')"
3 non-polymer 'SULFATE ION'
4 non-polymer GLYCEROL
5 water water
#
loop_
_entity_poly.entity_id
_entity_poly.type
_entity_poly.pdbx_seq_one_letter_code
_entity_poly.pdbx_strand_id
1 'polypeptide(L)'
;MGSSHHHHHHSQELLKDYIKRQIEYYFSVDNLERDFFLRRKMDADGFLPITLIASFHRVQALTTDISLIFAALKDSKVVE
IVDEKVRRREEPEKWPLPP
;
A
2 'polyribonucleotide' AAAAAAAAAAA B
#
# COMPACT_ATOMS: atom_id res chain seq x y z
N SER A 11 16.24 12.31 6.94
CA SER A 11 16.48 12.74 5.56
C SER A 11 15.60 11.95 4.58
N GLN A 12 16.24 11.05 3.82
CA GLN A 12 15.48 9.89 3.33
C GLN A 12 14.82 9.13 4.46
N GLU A 13 15.39 9.13 5.68
CA GLU A 13 14.69 8.40 6.73
C GLU A 13 13.36 9.06 7.08
N LEU A 14 13.35 10.39 7.17
CA LEU A 14 12.12 11.11 7.41
C LEU A 14 11.15 10.89 6.27
N LEU A 15 11.65 10.98 5.04
CA LEU A 15 10.79 10.79 3.89
C LEU A 15 10.21 9.38 3.87
N LYS A 16 11.02 8.37 4.22
CA LYS A 16 10.49 7.01 4.28
C LYS A 16 9.37 6.89 5.30
N ASP A 17 9.51 7.56 6.44
CA ASP A 17 8.44 7.51 7.43
C ASP A 17 7.13 8.11 6.90
N TYR A 18 7.20 9.25 6.22
CA TYR A 18 5.99 9.81 5.62
C TYR A 18 5.37 8.86 4.57
N ILE A 19 6.21 8.24 3.74
CA ILE A 19 5.71 7.30 2.73
C ILE A 19 5.04 6.11 3.41
N LYS A 20 5.70 5.55 4.44
CA LYS A 20 5.16 4.40 5.13
C LYS A 20 3.80 4.71 5.73
N ARG A 21 3.68 5.83 6.45
CA ARG A 21 2.38 6.12 7.08
C ARG A 21 1.31 6.43 6.05
N GLN A 22 1.67 7.05 4.93
CA GLN A 22 0.66 7.30 3.90
C GLN A 22 0.11 6.00 3.35
N ILE A 23 0.98 5.04 3.08
CA ILE A 23 0.53 3.78 2.51
C ILE A 23 -0.20 2.97 3.55
N GLU A 24 0.27 3.03 4.81
CA GLU A 24 -0.46 2.34 5.86
C GLU A 24 -1.89 2.88 6.00
N TYR A 25 -2.10 4.17 5.72
CA TYR A 25 -3.47 4.67 5.73
C TYR A 25 -4.31 3.99 4.66
N TYR A 26 -3.78 3.87 3.44
CA TYR A 26 -4.56 3.22 2.38
C TYR A 26 -5.01 1.83 2.81
N PHE A 27 -4.16 1.11 3.55
CA PHE A 27 -4.46 -0.24 3.97
C PHE A 27 -5.13 -0.34 5.34
N SER A 28 -5.57 0.79 5.90
CA SER A 28 -6.29 0.78 7.16
C SER A 28 -7.74 0.35 6.94
N VAL A 29 -8.34 -0.20 7.99
CA VAL A 29 -9.73 -0.64 7.84
C VAL A 29 -10.64 0.55 7.53
N ASP A 30 -10.36 1.70 8.16
CA ASP A 30 -11.19 2.87 7.96
C ASP A 30 -11.18 3.32 6.51
N ASN A 31 -10.02 3.28 5.84
CA ASN A 31 -10.00 3.58 4.42
C ASN A 31 -10.63 2.46 3.60
N LEU A 32 -10.29 1.21 3.90
CA LEU A 32 -10.74 0.10 3.05
C LEU A 32 -12.26 0.00 3.03
N GLU A 33 -12.93 0.38 4.10
CA GLU A 33 -14.38 0.26 4.10
C GLU A 33 -15.02 1.12 3.01
N ARG A 34 -14.35 2.15 2.52
CA ARG A 34 -14.91 3.02 1.49
C ARG A 34 -14.09 3.08 0.20
N ASP A 35 -12.95 2.39 0.14
CA ASP A 35 -12.03 2.51 -1.00
C ASP A 35 -12.30 1.40 -2.01
N PHE A 36 -13.36 1.61 -2.79
CA PHE A 36 -13.78 0.58 -3.74
C PHE A 36 -12.79 0.43 -4.88
N PHE A 37 -12.16 1.51 -5.32
CA PHE A 37 -11.15 1.39 -6.37
C PHE A 37 -10.00 0.48 -5.93
N LEU A 38 -9.45 0.71 -4.73
CA LEU A 38 -8.32 -0.10 -4.31
C LEU A 38 -8.73 -1.56 -4.23
N ARG A 39 -9.93 -1.82 -3.71
CA ARG A 39 -10.39 -3.19 -3.51
C ARG A 39 -10.67 -3.90 -4.83
N ARG A 40 -11.15 -3.18 -5.85
CA ARG A 40 -11.33 -3.77 -7.19
C ARG A 40 -10.01 -4.11 -7.87
N LYS A 41 -8.91 -3.46 -7.48
CA LYS A 41 -7.61 -3.73 -8.07
C LYS A 41 -6.85 -4.83 -7.32
N MET A 42 -7.39 -5.29 -6.20
CA MET A 42 -6.79 -6.40 -5.46
C MET A 42 -7.01 -7.71 -6.22
N ASP A 43 -6.01 -8.58 -6.14
CA ASP A 43 -6.19 -9.98 -6.49
C ASP A 43 -6.98 -10.70 -5.39
N ALA A 44 -7.38 -11.95 -5.65
CA ALA A 44 -8.23 -12.63 -4.68
C ALA A 44 -7.57 -12.76 -3.31
N ASP A 45 -6.25 -12.65 -3.22
CA ASP A 45 -5.55 -12.76 -1.95
C ASP A 45 -5.27 -11.42 -1.29
N GLY A 46 -5.78 -10.34 -1.87
CA GLY A 46 -5.62 -9.03 -1.30
C GLY A 46 -4.45 -8.24 -1.84
N PHE A 47 -3.63 -8.82 -2.73
CA PHE A 47 -2.40 -8.16 -3.17
C PHE A 47 -2.69 -7.14 -4.26
N LEU A 48 -1.94 -6.03 -4.21
CA LEU A 48 -1.90 -4.99 -5.22
C LEU A 48 -0.48 -4.77 -5.66
N PRO A 49 -0.25 -4.40 -6.92
CA PRO A 49 1.10 -4.00 -7.32
C PRO A 49 1.55 -2.78 -6.53
N ILE A 50 2.79 -2.85 -5.99
CA ILE A 50 3.37 -1.67 -5.35
C ILE A 50 3.46 -0.49 -6.33
N THR A 51 3.71 -0.76 -7.61
CA THR A 51 3.74 0.33 -8.59
C THR A 51 2.38 1.01 -8.76
N LEU A 52 1.27 0.31 -8.48
CA LEU A 52 -0.03 0.99 -8.48
C LEU A 52 -0.09 1.98 -7.32
N ILE A 53 0.30 1.54 -6.12
CA ILE A 53 0.31 2.43 -4.97
C ILE A 53 1.24 3.60 -5.23
N ALA A 54 2.38 3.36 -5.89
CA ALA A 54 3.33 4.42 -6.22
C ALA A 54 2.70 5.53 -7.04
N SER A 55 1.65 5.23 -7.82
CA SER A 55 1.01 6.23 -8.67
C SER A 55 0.03 7.11 -7.91
N PHE A 56 -0.35 6.71 -6.70
CA PHE A 56 -1.38 7.48 -5.99
C PHE A 56 -0.83 8.86 -5.64
N HIS A 57 -1.69 9.88 -5.71
CA HIS A 57 -1.22 11.26 -5.69
C HIS A 57 -0.35 11.58 -4.49
N ARG A 58 -0.75 11.12 -3.29
CA ARG A 58 0.02 11.54 -2.11
C ARG A 58 1.33 10.80 -1.98
N VAL A 59 1.45 9.61 -2.57
CA VAL A 59 2.74 8.92 -2.63
C VAL A 59 3.64 9.56 -3.67
N GLN A 60 3.10 9.78 -4.87
CA GLN A 60 3.84 10.44 -5.94
C GLN A 60 4.38 11.80 -5.51
N ALA A 61 3.62 12.53 -4.71
CA ALA A 61 4.10 13.83 -4.24
C ALA A 61 5.36 13.67 -3.42
N LEU A 62 5.43 12.61 -2.61
CA LEU A 62 6.57 12.39 -1.73
C LEU A 62 7.78 11.85 -2.47
N THR A 63 7.59 10.93 -3.40
CA THR A 63 8.74 10.32 -4.08
C THR A 63 8.28 9.66 -5.36
N THR A 64 9.21 9.57 -6.31
CA THR A 64 9.05 8.66 -7.44
C THR A 64 10.09 7.56 -7.43
N ASP A 65 10.80 7.39 -6.33
CA ASP A 65 11.85 6.39 -6.20
C ASP A 65 11.24 5.09 -5.67
N ILE A 66 11.14 4.09 -6.53
CA ILE A 66 10.46 2.86 -6.13
C ILE A 66 11.21 2.14 -5.00
N SER A 67 12.54 2.24 -4.96
CA SER A 67 13.28 1.60 -3.87
C SER A 67 12.93 2.21 -2.53
N LEU A 68 12.73 3.52 -2.47
CA LEU A 68 12.32 4.11 -1.19
C LEU A 68 10.95 3.65 -0.77
N ILE A 69 10.05 3.45 -1.73
CA ILE A 69 8.73 2.95 -1.40
C ILE A 69 8.84 1.56 -0.81
N PHE A 70 9.59 0.67 -1.49
CA PHE A 70 9.81 -0.67 -0.95
C PHE A 70 10.46 -0.61 0.43
N ALA A 71 11.50 0.22 0.59
CA ALA A 71 12.20 0.31 1.88
C ALA A 71 11.25 0.80 2.98
N ALA A 72 10.39 1.77 2.65
CA ALA A 72 9.45 2.32 3.63
C ALA A 72 8.50 1.25 4.15
N LEU A 73 8.12 0.30 3.30
CA LEU A 73 7.17 -0.73 3.67
C LEU A 73 7.81 -1.96 4.29
N LYS A 74 9.12 -2.11 4.17
CA LYS A 74 9.81 -3.23 4.79
C LYS A 74 9.55 -3.24 6.29
N ASP A 75 9.51 -2.05 6.89
CA ASP A 75 9.30 -1.94 8.33
C ASP A 75 7.91 -2.39 8.73
N SER A 76 6.94 -2.21 7.85
CA SER A 76 5.55 -2.04 8.27
C SER A 76 4.96 -3.28 8.94
N LYS A 77 4.26 -3.05 10.06
CA LYS A 77 3.42 -4.08 10.65
C LYS A 77 2.01 -4.13 10.06
N VAL A 78 1.63 -3.15 9.25
CA VAL A 78 0.29 -3.09 8.67
C VAL A 78 0.20 -3.89 7.37
N VAL A 79 1.24 -3.82 6.54
CA VAL A 79 1.25 -4.46 5.24
C VAL A 79 2.39 -5.46 5.14
N GLU A 80 2.22 -6.39 4.20
CA GLU A 80 3.14 -7.48 3.86
C GLU A 80 3.49 -7.30 2.39
N ILE A 81 4.76 -7.47 2.03
CA ILE A 81 5.24 -7.45 0.65
C ILE A 81 5.59 -8.88 0.23
N VAL A 82 5.13 -9.26 -0.96
CA VAL A 82 5.60 -10.47 -1.63
C VAL A 82 6.01 -10.04 -3.02
N ASP A 83 7.30 -10.14 -3.33
CA ASP A 83 7.85 -9.66 -4.60
C ASP A 83 7.45 -8.23 -4.90
N GLU A 84 6.68 -8.01 -5.97
CA GLU A 84 6.28 -6.66 -6.36
C GLU A 84 4.91 -6.25 -5.82
N LYS A 85 4.31 -7.06 -4.97
CA LYS A 85 2.94 -6.82 -4.53
C LYS A 85 2.88 -6.57 -3.03
N VAL A 86 1.83 -5.86 -2.60
CA VAL A 86 1.63 -5.52 -1.21
C VAL A 86 0.19 -5.80 -0.81
N ARG A 87 -0.01 -6.20 0.44
CA ARG A 87 -1.35 -6.41 0.96
C ARG A 87 -1.42 -6.09 2.43
N ARG A 88 -2.64 -5.85 2.91
CA ARG A 88 -2.87 -5.74 4.35
C ARG A 88 -2.56 -7.07 5.03
N ARG A 89 -1.81 -7.02 6.15
CA ARG A 89 -1.45 -8.26 6.85
C ARG A 89 -2.67 -8.94 7.45
N GLU A 90 -3.56 -8.19 8.11
CA GLU A 90 -4.68 -8.77 8.84
C GLU A 90 -5.82 -9.04 7.89
N GLU A 91 -6.19 -10.31 7.74
CA GLU A 91 -7.39 -10.73 7.02
C GLU A 91 -7.51 -10.09 5.63
N PRO A 92 -6.48 -10.18 4.78
CA PRO A 92 -6.55 -9.47 3.50
C PRO A 92 -7.62 -10.00 2.56
N GLU A 93 -7.98 -11.28 2.67
CA GLU A 93 -8.91 -11.88 1.71
C GLU A 93 -10.36 -11.39 1.90
N LYS A 94 -10.64 -10.62 2.95
CA LYS A 94 -11.99 -10.09 3.14
C LYS A 94 -12.29 -8.87 2.27
N TRP A 95 -11.26 -8.23 1.73
CA TRP A 95 -11.36 -6.92 1.09
C TRP A 95 -11.52 -6.88 -0.42
N PRO A 96 -10.98 -7.83 -1.20
CA PRO A 96 -11.11 -7.70 -2.66
C PRO A 96 -12.58 -7.58 -3.09
N LEU A 97 -12.79 -6.85 -4.19
CA LEU A 97 -14.11 -6.71 -4.79
C LEU A 97 -14.05 -6.99 -6.28
N PRO A 98 -15.20 -7.33 -6.89
CA PRO A 98 -15.24 -7.56 -8.35
C PRO A 98 -14.78 -6.33 -9.10
N PRO A 99 -13.98 -6.51 -10.16
CA PRO A 99 -13.30 -5.43 -10.88
C PRO A 99 -14.23 -4.37 -11.47
#